data_5EC3
#
_entry.id   5EC3
#
_cell.length_a   98.540
_cell.length_b   98.540
_cell.length_c   87.270
_cell.angle_alpha   90.00
_cell.angle_beta   90.00
_cell.angle_gamma   120.00
#
_symmetry.space_group_name_H-M   'P 31 2 1'
#
loop_
_entity.id
_entity.type
_entity.pdbx_description
1 polymer '4-hydroxyphenylpyruvate dioxygenase'
2 non-polymer 'COBALT (II) ION'
3 water water
#
_entity_poly.entity_id   1
_entity_poly.type   'polypeptide(L)'
_entity_poly.pdbx_seq_one_letter_code
;MTTYSDKGAKPERGRFLHFHSVTFWVGNAKQAASFYCSKMGFEPLAYRGLETGSREVVSHVIKQGKIVFVLSSALNPWNK
EMGDHLVKHGDGVKDIAFEVEDCDYIVQKARERGAKIMREPWVEQDKFGKVKFAVLQTYGDTTHTLVEKMNYIGQFLPGY
EAPAFMDPLLPKLPKCSLEMIDHIVGNQPDQEMVSASEWYLKNLQFHRFWSVDDTQVHTEYSSLRSIVVANYEESIKMPI
NEPAPGKKKSQIQEYVDYNGGAGVQHIALKTEDIITAIRHLRERGLEFLSVPSTYYKQLREKLKTAKIKVKENIDALEEL
KILVDYDEKGYLLQIFTKPVQDRPTLFLEVIQRHNHQGFGAGNFNSLFKAFEEEQNLRGNLTNMETNGVVPGM
;
_entity_poly.pdbx_strand_id   A
#
loop_
_chem_comp.id
_chem_comp.type
_chem_comp.name
_chem_comp.formula
CO non-polymer 'COBALT (II) ION' 'Co 2'
#
# COMPACT_ATOMS: atom_id res chain seq x y z
N ALA A 9 10.80 12.87 -20.23
CA ALA A 9 10.45 14.27 -20.41
C ALA A 9 9.68 14.80 -19.20
N LYS A 10 10.10 15.96 -18.70
CA LYS A 10 9.41 16.57 -17.55
C LYS A 10 8.05 17.11 -17.97
N PRO A 11 6.99 16.75 -17.22
CA PRO A 11 5.66 17.30 -17.48
C PRO A 11 5.71 18.82 -17.40
N GLU A 12 4.93 19.50 -18.25
CA GLU A 12 4.96 20.97 -18.30
C GLU A 12 4.59 21.56 -16.94
N ARG A 13 3.38 21.27 -16.50
CA ARG A 13 2.87 21.79 -15.24
C ARG A 13 2.47 20.64 -14.34
N GLY A 14 2.06 20.97 -13.12
CA GLY A 14 1.58 19.96 -12.21
C GLY A 14 2.70 19.17 -11.56
N ARG A 15 2.44 18.71 -10.36
CA ARG A 15 3.43 17.93 -9.65
C ARG A 15 2.73 17.09 -8.61
N PHE A 16 3.00 15.78 -8.63
CA PHE A 16 2.53 14.91 -7.56
C PHE A 16 3.58 14.90 -6.49
N LEU A 17 3.25 15.46 -5.33
CA LEU A 17 4.21 15.62 -4.27
C LEU A 17 4.50 14.28 -3.60
N HIS A 18 3.44 13.63 -3.12
CA HIS A 18 3.59 12.39 -2.36
C HIS A 18 2.25 11.75 -2.08
N PHE A 19 2.29 10.53 -1.57
CA PHE A 19 1.07 9.88 -1.10
C PHE A 19 0.50 10.73 0.01
N HIS A 20 -0.78 11.04 -0.06
CA HIS A 20 -1.43 11.82 1.00
C HIS A 20 -2.05 10.88 2.04
N SER A 21 -2.81 9.91 1.58
CA SER A 21 -3.53 9.02 2.48
C SER A 21 -4.14 7.87 1.72
N VAL A 22 -4.52 6.83 2.45
CA VAL A 22 -5.22 5.71 1.83
C VAL A 22 -6.58 5.59 2.48
N THR A 23 -7.63 5.49 1.66
CA THR A 23 -8.99 5.34 2.19
C THR A 23 -9.45 3.92 1.98
N PHE A 24 -9.91 3.30 3.07
CA PHE A 24 -10.43 1.94 3.05
C PHE A 24 -11.95 2.00 3.19
N TRP A 25 -12.65 1.18 2.42
CA TRP A 25 -14.07 0.98 2.65
C TRP A 25 -14.22 -0.37 3.33
N VAL A 26 -14.73 -0.35 4.55
CA VAL A 26 -14.72 -1.54 5.40
C VAL A 26 -16.09 -1.72 6.04
N GLY A 27 -16.37 -2.92 6.52
CA GLY A 27 -17.66 -3.16 7.14
C GLY A 27 -17.83 -2.46 8.48
N ASN A 28 -16.73 -2.33 9.22
CA ASN A 28 -16.80 -1.78 10.57
C ASN A 28 -15.64 -0.85 10.82
N ALA A 29 -15.80 0.41 10.44
CA ALA A 29 -14.73 1.40 10.54
C ALA A 29 -14.18 1.51 11.96
N LYS A 30 -15.06 1.47 12.96
CA LYS A 30 -14.64 1.59 14.35
C LYS A 30 -13.69 0.45 14.73
N GLN A 31 -14.06 -0.77 14.36
CA GLN A 31 -13.22 -1.90 14.74
C GLN A 31 -11.99 -2.00 13.86
N ALA A 32 -12.10 -1.54 12.62
CA ALA A 32 -10.93 -1.53 11.75
C ALA A 32 -9.91 -0.55 12.31
N ALA A 33 -10.36 0.62 12.74
CA ALA A 33 -9.39 1.62 13.21
C ALA A 33 -8.71 1.11 14.49
N SER A 34 -9.48 0.39 15.30
CA SER A 34 -8.94 -0.20 16.51
C SER A 34 -7.89 -1.25 16.15
N PHE A 35 -8.18 -2.04 15.13
CA PHE A 35 -7.22 -3.04 14.67
C PHE A 35 -5.89 -2.40 14.28
N TYR A 36 -5.94 -1.40 13.40
CA TYR A 36 -4.70 -0.77 12.93
C TYR A 36 -3.97 0.00 14.03
N CYS A 37 -4.71 0.61 14.95
CA CYS A 37 -4.05 1.29 16.07
C CYS A 37 -3.37 0.30 17.03
N SER A 38 -4.11 -0.72 17.44
N SER A 38 -4.08 -0.73 17.45
CA SER A 38 -3.59 -1.66 18.42
CA SER A 38 -3.51 -1.64 18.45
C SER A 38 -2.49 -2.55 17.84
C SER A 38 -2.47 -2.58 17.85
N LYS A 39 -2.73 -3.08 16.64
CA LYS A 39 -1.82 -4.04 16.02
C LYS A 39 -0.68 -3.41 15.23
N MET A 40 -0.88 -2.22 14.71
CA MET A 40 0.14 -1.66 13.82
C MET A 40 0.76 -0.33 14.26
N GLY A 41 0.39 0.16 15.44
CA GLY A 41 1.04 1.34 16.00
C GLY A 41 0.51 2.67 15.53
N PHE A 42 -0.67 2.66 14.92
CA PHE A 42 -1.33 3.89 14.52
C PHE A 42 -2.00 4.55 15.72
N GLU A 43 -2.39 5.81 15.55
CA GLU A 43 -3.09 6.58 16.57
C GLU A 43 -4.22 7.36 15.90
N PRO A 44 -5.30 7.65 16.65
CA PRO A 44 -6.42 8.43 16.10
C PRO A 44 -5.96 9.80 15.65
N LEU A 45 -6.45 10.26 14.50
CA LEU A 45 -6.13 11.60 14.02
C LEU A 45 -7.40 12.43 13.89
N ALA A 46 -8.47 11.83 13.34
CA ALA A 46 -9.69 12.60 13.08
C ALA A 46 -10.87 11.68 12.91
N TYR A 47 -12.05 12.29 12.83
CA TYR A 47 -13.28 11.51 12.81
C TYR A 47 -14.38 12.32 12.19
N ARG A 48 -15.24 11.66 11.41
CA ARG A 48 -16.53 12.22 11.05
C ARG A 48 -17.58 11.11 11.14
N GLY A 49 -18.79 11.48 11.55
CA GLY A 49 -19.84 10.50 11.75
C GLY A 49 -21.08 11.21 12.23
N LEU A 50 -22.01 10.45 12.79
CA LEU A 50 -23.27 11.01 13.24
C LEU A 50 -23.06 12.18 14.20
N GLU A 51 -22.09 12.06 15.08
CA GLU A 51 -21.85 13.08 16.09
C GLU A 51 -21.25 14.37 15.54
N THR A 52 -20.78 14.35 14.30
CA THR A 52 -20.21 15.55 13.67
C THR A 52 -21.05 16.01 12.49
N GLY A 53 -22.23 15.42 12.34
CA GLY A 53 -23.10 15.80 11.23
C GLY A 53 -22.84 15.08 9.91
N SER A 54 -21.99 14.05 9.93
CA SER A 54 -21.81 13.22 8.73
C SER A 54 -22.76 12.03 8.84
N ARG A 55 -23.88 12.08 8.14
CA ARG A 55 -24.97 11.14 8.39
C ARG A 55 -25.07 9.95 7.43
N GLU A 56 -24.24 9.94 6.40
CA GLU A 56 -24.23 8.82 5.45
C GLU A 56 -22.99 7.93 5.62
N VAL A 57 -21.87 8.56 5.97
CA VAL A 57 -20.58 7.87 6.02
C VAL A 57 -19.87 8.18 7.33
N VAL A 58 -19.35 7.16 8.00
CA VAL A 58 -18.52 7.39 9.17
C VAL A 58 -17.09 7.18 8.72
N SER A 59 -16.17 8.01 9.19
CA SER A 59 -14.76 7.82 8.89
C SER A 59 -13.91 7.96 10.13
N HIS A 60 -13.07 6.95 10.38
CA HIS A 60 -12.04 7.05 11.40
C HIS A 60 -10.73 7.24 10.68
N VAL A 61 -10.04 8.32 11.00
CA VAL A 61 -8.78 8.63 10.38
C VAL A 61 -7.70 8.41 11.41
N ILE A 62 -6.69 7.65 11.04
CA ILE A 62 -5.62 7.32 11.97
C ILE A 62 -4.29 7.58 11.28
N LYS A 63 -3.24 7.69 12.09
CA LYS A 63 -1.97 8.11 11.54
C LYS A 63 -0.81 7.47 12.27
N GLN A 64 0.31 7.32 11.57
CA GLN A 64 1.57 6.97 12.20
C GLN A 64 2.62 7.66 11.36
N GLY A 65 3.46 8.50 11.97
CA GLY A 65 4.36 9.35 11.21
C GLY A 65 3.56 10.14 10.19
N LYS A 66 3.90 10.01 8.91
CA LYS A 66 3.18 10.68 7.85
C LYS A 66 2.10 9.79 7.23
N ILE A 67 2.03 8.54 7.67
CA ILE A 67 1.05 7.59 7.13
C ILE A 67 -0.35 7.90 7.64
N VAL A 68 -1.29 8.10 6.74
CA VAL A 68 -2.65 8.38 7.18
C VAL A 68 -3.58 7.39 6.51
N PHE A 69 -4.36 6.67 7.31
CA PHE A 69 -5.37 5.76 6.80
C PHE A 69 -6.75 6.29 7.17
N VAL A 70 -7.65 6.30 6.20
CA VAL A 70 -9.02 6.65 6.46
C VAL A 70 -9.87 5.37 6.37
N LEU A 71 -10.52 5.00 7.46
CA LEU A 71 -11.38 3.81 7.48
C LEU A 71 -12.82 4.28 7.46
N SER A 72 -13.55 3.95 6.40
CA SER A 72 -14.92 4.45 6.23
C SER A 72 -15.94 3.34 6.07
N SER A 73 -17.13 3.53 6.65
CA SER A 73 -18.25 2.62 6.47
C SER A 73 -19.52 3.40 6.18
N ALA A 74 -20.50 2.71 5.61
CA ALA A 74 -21.85 3.27 5.44
C ALA A 74 -22.53 3.29 6.79
N LEU A 75 -23.25 4.38 7.06
CA LEU A 75 -24.03 4.50 8.30
C LEU A 75 -25.45 3.95 8.15
N ASN A 76 -25.94 3.87 6.93
CA ASN A 76 -27.34 3.51 6.73
C ASN A 76 -27.52 2.17 6.03
N PRO A 77 -28.62 1.45 6.35
CA PRO A 77 -28.93 0.22 5.62
C PRO A 77 -29.01 0.46 4.11
N TRP A 78 -28.58 -0.52 3.32
CA TRP A 78 -28.76 -0.51 1.87
C TRP A 78 -28.08 0.65 1.18
N ASN A 79 -26.86 0.98 1.60
CA ASN A 79 -26.06 1.93 0.84
C ASN A 79 -25.59 1.20 -0.38
N LYS A 80 -26.00 1.65 -1.56
CA LYS A 80 -25.69 0.90 -2.77
C LYS A 80 -24.20 0.88 -3.13
N GLU A 81 -23.57 2.05 -3.18
CA GLU A 81 -22.19 2.13 -3.63
C GLU A 81 -21.26 1.42 -2.65
N MET A 82 -21.36 1.75 -1.38
CA MET A 82 -20.46 1.16 -0.39
C MET A 82 -20.84 -0.28 -0.11
N GLY A 83 -22.14 -0.57 -0.14
CA GLY A 83 -22.62 -1.92 0.09
C GLY A 83 -22.12 -2.86 -0.99
N ASP A 84 -22.30 -2.48 -2.25
CA ASP A 84 -21.82 -3.30 -3.36
C ASP A 84 -20.32 -3.55 -3.29
N HIS A 85 -19.57 -2.48 -3.05
CA HIS A 85 -18.11 -2.58 -2.94
C HIS A 85 -17.74 -3.56 -1.83
N LEU A 86 -18.41 -3.46 -0.70
CA LEU A 86 -18.14 -4.33 0.44
C LEU A 86 -18.42 -5.79 0.12
N VAL A 87 -19.53 -6.04 -0.56
CA VAL A 87 -19.92 -7.41 -0.88
C VAL A 87 -18.98 -8.00 -1.91
N LYS A 88 -18.57 -7.17 -2.86
CA LYS A 88 -17.67 -7.59 -3.91
C LYS A 88 -16.26 -7.84 -3.38
N HIS A 89 -15.72 -6.87 -2.64
CA HIS A 89 -14.30 -6.89 -2.27
C HIS A 89 -14.00 -7.37 -0.85
N GLY A 90 -14.97 -7.27 0.05
CA GLY A 90 -14.67 -7.36 1.47
C GLY A 90 -13.98 -6.06 1.86
N ASP A 91 -13.43 -5.97 3.08
CA ASP A 91 -12.71 -4.77 3.53
C ASP A 91 -11.53 -4.54 2.59
N GLY A 92 -11.38 -3.34 2.05
CA GLY A 92 -10.22 -3.06 1.20
C GLY A 92 -10.03 -1.60 0.81
N VAL A 93 -8.92 -1.33 0.14
CA VAL A 93 -8.60 0.03 -0.26
C VAL A 93 -9.59 0.47 -1.33
N LYS A 94 -10.16 1.66 -1.15
CA LYS A 94 -11.04 2.22 -2.16
C LYS A 94 -10.33 3.32 -2.93
N ASP A 95 -9.51 4.09 -2.23
CA ASP A 95 -8.91 5.28 -2.83
C ASP A 95 -7.49 5.53 -2.34
N ILE A 96 -6.62 5.89 -3.27
CA ILE A 96 -5.28 6.32 -2.94
C ILE A 96 -5.19 7.81 -3.23
N ALA A 97 -4.94 8.60 -2.19
CA ALA A 97 -4.89 10.06 -2.35
C ALA A 97 -3.48 10.55 -2.58
N PHE A 98 -3.31 11.50 -3.50
CA PHE A 98 -2.02 12.14 -3.73
C PHE A 98 -2.13 13.61 -3.39
N GLU A 99 -1.15 14.14 -2.68
CA GLU A 99 -1.07 15.56 -2.52
C GLU A 99 -0.42 16.10 -3.78
N VAL A 100 -1.02 17.11 -4.39
CA VAL A 100 -0.51 17.62 -5.66
C VAL A 100 -0.39 19.14 -5.64
N GLU A 101 0.33 19.66 -6.63
CA GLU A 101 0.32 21.09 -6.97
C GLU A 101 -0.35 21.22 -8.32
N ASP A 102 -1.24 22.20 -8.44
CA ASP A 102 -1.97 22.46 -9.68
C ASP A 102 -2.91 21.33 -10.06
N CYS A 103 -3.85 21.04 -9.17
CA CYS A 103 -4.89 20.04 -9.39
C CYS A 103 -5.66 20.28 -10.70
N ASP A 104 -5.97 21.54 -10.99
CA ASP A 104 -6.72 21.90 -12.21
C ASP A 104 -6.02 21.43 -13.48
N TYR A 105 -4.73 21.74 -13.60
CA TYR A 105 -3.97 21.30 -14.76
C TYR A 105 -3.97 19.77 -14.85
N ILE A 106 -3.66 19.09 -13.73
CA ILE A 106 -3.60 17.64 -13.72
C ILE A 106 -4.91 17.02 -14.20
N VAL A 107 -6.03 17.52 -13.68
CA VAL A 107 -7.32 16.99 -14.07
C VAL A 107 -7.62 17.26 -15.55
N GLN A 108 -7.29 18.45 -16.01
CA GLN A 108 -7.57 18.82 -17.38
C GLN A 108 -6.74 17.97 -18.33
N LYS A 109 -5.45 17.86 -18.02
CA LYS A 109 -4.55 17.02 -18.81
C LYS A 109 -5.02 15.55 -18.81
N ALA A 110 -5.42 15.05 -17.64
CA ALA A 110 -5.89 13.67 -17.55
C ALA A 110 -7.16 13.48 -18.38
N ARG A 111 -8.06 14.44 -18.32
CA ARG A 111 -9.30 14.35 -19.07
CA ARG A 111 -9.31 14.37 -19.07
C ARG A 111 -9.04 14.34 -20.57
N GLU A 112 -8.20 15.27 -21.03
CA GLU A 112 -7.84 15.32 -22.45
C GLU A 112 -7.22 14.01 -22.93
N ARG A 113 -6.46 13.34 -22.06
CA ARG A 113 -5.80 12.08 -22.42
C ARG A 113 -6.76 10.89 -22.27
N GLY A 114 -7.93 11.12 -21.68
CA GLY A 114 -8.97 10.10 -21.67
C GLY A 114 -9.32 9.45 -20.34
N ALA A 115 -8.83 10.00 -19.24
CA ALA A 115 -9.17 9.48 -17.92
C ALA A 115 -10.61 9.79 -17.59
N LYS A 116 -11.22 8.94 -16.76
CA LYS A 116 -12.57 9.21 -16.29
C LYS A 116 -12.50 10.00 -14.99
N ILE A 117 -13.10 11.19 -15.01
CA ILE A 117 -13.13 12.04 -13.82
C ILE A 117 -14.40 11.74 -13.02
N MET A 118 -14.26 11.06 -11.89
CA MET A 118 -15.42 10.72 -11.07
C MET A 118 -15.97 11.98 -10.41
N ARG A 119 -15.08 12.92 -10.11
CA ARG A 119 -15.50 14.17 -9.46
C ARG A 119 -14.62 15.33 -9.85
N GLU A 120 -15.25 16.33 -10.47
CA GLU A 120 -14.60 17.56 -10.89
C GLU A 120 -14.03 18.30 -9.70
N PRO A 121 -12.94 19.08 -9.91
CA PRO A 121 -12.31 19.80 -8.80
C PRO A 121 -13.31 20.62 -8.01
N TRP A 122 -13.34 20.40 -6.70
CA TRP A 122 -14.15 21.21 -5.81
C TRP A 122 -13.26 21.63 -4.67
N VAL A 123 -13.69 22.63 -3.93
CA VAL A 123 -12.87 23.22 -2.89
C VAL A 123 -13.63 23.13 -1.58
N GLU A 124 -12.95 22.75 -0.52
CA GLU A 124 -13.58 22.73 0.80
C GLU A 124 -12.80 23.64 1.70
N GLN A 125 -13.44 24.07 2.78
CA GLN A 125 -12.92 25.16 3.57
C GLN A 125 -13.32 25.01 5.03
N ASP A 126 -12.37 25.28 5.91
CA ASP A 126 -12.67 25.44 7.33
C ASP A 126 -11.78 26.56 7.86
N LYS A 127 -11.69 26.70 9.18
CA LYS A 127 -10.96 27.83 9.74
C LYS A 127 -9.45 27.73 9.54
N PHE A 128 -8.98 26.58 9.08
CA PHE A 128 -7.54 26.37 8.88
C PHE A 128 -7.15 26.63 7.43
N GLY A 129 -8.13 26.89 6.57
CA GLY A 129 -7.84 27.16 5.17
C GLY A 129 -8.68 26.36 4.20
N LYS A 130 -8.18 26.30 2.96
CA LYS A 130 -8.92 25.68 1.87
C LYS A 130 -8.14 24.49 1.32
N VAL A 131 -8.88 23.54 0.78
CA VAL A 131 -8.27 22.38 0.15
C VAL A 131 -9.08 22.12 -1.10
N LYS A 132 -8.38 21.89 -2.20
CA LYS A 132 -9.04 21.53 -3.44
C LYS A 132 -8.88 20.03 -3.69
N PHE A 133 -9.95 19.40 -4.14
CA PHE A 133 -9.95 17.94 -4.35
C PHE A 133 -10.41 17.64 -5.76
N ALA A 134 -10.09 16.43 -6.23
CA ALA A 134 -10.63 15.93 -7.48
C ALA A 134 -10.51 14.42 -7.39
N VAL A 135 -11.36 13.70 -8.09
CA VAL A 135 -11.32 12.24 -8.05
C VAL A 135 -11.27 11.64 -9.44
N LEU A 136 -10.26 10.79 -9.67
CA LEU A 136 -10.09 10.06 -10.92
C LEU A 136 -10.28 8.58 -10.67
N GLN A 137 -10.79 7.88 -11.68
CA GLN A 137 -11.00 6.44 -11.62
C GLN A 137 -9.76 5.74 -12.14
N THR A 138 -9.13 4.89 -11.32
CA THR A 138 -8.02 4.09 -11.85
C THR A 138 -8.46 2.63 -11.98
N TYR A 139 -7.55 1.67 -11.84
CA TYR A 139 -7.91 0.26 -12.07
C TYR A 139 -9.03 -0.22 -11.15
N GLY A 140 -9.82 -1.18 -11.63
CA GLY A 140 -10.89 -1.78 -10.84
C GLY A 140 -11.86 -0.74 -10.32
N ASP A 141 -12.16 -0.79 -9.03
CA ASP A 141 -13.03 0.19 -8.39
C ASP A 141 -12.20 1.19 -7.62
N THR A 142 -10.90 1.16 -7.83
CA THR A 142 -10.01 2.03 -7.09
C THR A 142 -10.00 3.44 -7.69
N THR A 143 -9.98 4.45 -6.84
CA THR A 143 -9.90 5.83 -7.31
C THR A 143 -8.65 6.51 -6.76
N HIS A 144 -8.25 7.60 -7.43
CA HIS A 144 -7.25 8.50 -6.89
C HIS A 144 -7.90 9.82 -6.56
N THR A 145 -7.70 10.27 -5.32
CA THR A 145 -8.14 11.60 -4.93
C THR A 145 -6.92 12.53 -4.93
N LEU A 146 -7.04 13.66 -5.63
CA LEU A 146 -5.97 14.64 -5.66
C LEU A 146 -6.24 15.65 -4.58
N VAL A 147 -5.23 15.94 -3.77
CA VAL A 147 -5.41 16.88 -2.67
C VAL A 147 -4.45 18.04 -2.89
N GLU A 148 -5.01 19.23 -3.11
CA GLU A 148 -4.18 20.43 -3.22
C GLU A 148 -4.52 21.36 -2.06
N LYS A 149 -3.57 21.51 -1.14
CA LYS A 149 -3.79 22.39 0.00
C LYS A 149 -3.50 23.84 -0.38
N MET A 150 -4.45 24.73 -0.07
CA MET A 150 -4.27 26.15 -0.34
C MET A 150 -4.16 26.90 0.97
N ASN A 151 -2.93 27.00 1.46
CA ASN A 151 -2.66 27.58 2.77
C ASN A 151 -3.46 26.88 3.88
N TYR A 152 -3.50 25.56 3.83
CA TYR A 152 -4.21 24.77 4.84
C TYR A 152 -3.24 24.37 5.94
N ILE A 153 -3.62 24.66 7.18
CA ILE A 153 -2.74 24.39 8.30
C ILE A 153 -3.34 23.41 9.30
N GLY A 154 -4.47 22.80 8.94
CA GLY A 154 -5.08 21.79 9.79
C GLY A 154 -4.29 20.50 9.84
N GLN A 155 -4.60 19.64 10.81
CA GLN A 155 -3.89 18.38 10.97
C GLN A 155 -4.32 17.36 9.93
N PHE A 156 -5.50 17.56 9.36
CA PHE A 156 -5.95 16.61 8.34
C PHE A 156 -6.65 17.30 7.17
N LEU A 157 -7.99 17.34 7.22
CA LEU A 157 -8.77 17.93 6.13
C LEU A 157 -10.04 18.55 6.68
N PRO A 158 -10.65 19.47 5.92
CA PRO A 158 -11.96 20.02 6.30
C PRO A 158 -12.99 18.89 6.39
N GLY A 159 -13.99 19.04 7.25
CA GLY A 159 -15.05 18.05 7.34
C GLY A 159 -14.77 16.91 8.30
N TYR A 160 -13.64 16.98 8.98
CA TYR A 160 -13.29 15.98 9.99
C TYR A 160 -12.97 16.69 11.31
N GLU A 161 -13.40 16.09 12.41
CA GLU A 161 -13.18 16.69 13.73
C GLU A 161 -12.15 15.88 14.49
N ALA A 162 -11.81 16.34 15.69
CA ALA A 162 -10.91 15.61 16.58
C ALA A 162 -11.44 14.21 16.84
N PRO A 163 -10.54 13.27 17.19
CA PRO A 163 -10.95 11.87 17.41
C PRO A 163 -12.09 11.71 18.40
N ALA A 164 -12.98 10.76 18.14
CA ALA A 164 -14.11 10.48 19.02
C ALA A 164 -13.65 9.97 20.39
N PHE A 165 -12.60 9.14 20.39
CA PHE A 165 -12.11 8.49 21.61
C PHE A 165 -10.60 8.27 21.55
N MET A 166 -9.91 8.59 22.64
CA MET A 166 -8.48 8.31 22.74
C MET A 166 -8.25 7.04 23.58
N ASP A 167 -8.04 5.93 22.89
CA ASP A 167 -7.84 4.63 23.52
C ASP A 167 -6.67 4.65 24.50
N PRO A 168 -6.96 4.48 25.80
CA PRO A 168 -5.91 4.50 26.84
C PRO A 168 -4.98 3.27 26.79
N LEU A 169 -5.31 2.27 25.98
CA LEU A 169 -4.38 1.16 25.82
C LEU A 169 -3.19 1.56 24.96
N LEU A 170 -3.44 2.36 23.93
CA LEU A 170 -2.40 2.69 22.95
C LEU A 170 -1.07 3.19 23.54
N PRO A 171 -1.09 4.16 24.48
CA PRO A 171 0.20 4.65 24.94
C PRO A 171 1.01 3.60 25.71
N LYS A 172 0.37 2.51 26.12
CA LYS A 172 1.05 1.43 26.82
C LYS A 172 1.67 0.39 25.89
N LEU A 173 1.47 0.54 24.58
CA LEU A 173 1.99 -0.44 23.63
C LEU A 173 3.30 0.07 23.02
N PRO A 174 4.23 -0.84 22.69
CA PRO A 174 5.53 -0.38 22.16
C PRO A 174 5.44 0.28 20.79
N LYS A 175 6.24 1.33 20.57
CA LYS A 175 6.18 2.14 19.34
C LYS A 175 6.68 1.37 18.10
N CYS A 176 5.96 1.49 16.98
CA CYS A 176 6.26 0.66 15.80
C CYS A 176 7.13 1.32 14.74
N SER A 177 7.38 2.63 14.89
CA SER A 177 8.41 3.31 14.11
C SER A 177 8.18 3.29 12.60
N LEU A 178 6.91 3.33 12.18
CA LEU A 178 6.58 3.42 10.76
C LEU A 178 6.46 4.90 10.40
N GLU A 179 7.04 5.29 9.26
CA GLU A 179 7.29 6.72 8.99
C GLU A 179 6.43 7.29 7.87
N MET A 180 6.27 6.51 6.80
CA MET A 180 5.59 7.02 5.63
C MET A 180 5.26 5.88 4.68
N ILE A 181 4.36 6.13 3.75
CA ILE A 181 4.02 5.13 2.76
C ILE A 181 5.12 5.12 1.72
N ASP A 182 5.68 3.94 1.46
CA ASP A 182 6.80 3.81 0.53
C ASP A 182 6.34 3.49 -0.90
N HIS A 183 5.41 2.55 -1.04
CA HIS A 183 4.84 2.25 -2.34
C HIS A 183 3.53 1.53 -2.14
N ILE A 184 2.75 1.42 -3.21
CA ILE A 184 1.46 0.73 -3.14
C ILE A 184 1.28 -0.10 -4.40
N VAL A 185 0.92 -1.37 -4.22
CA VAL A 185 0.86 -2.32 -5.32
C VAL A 185 -0.56 -2.62 -5.75
N GLY A 186 -0.83 -2.55 -7.05
CA GLY A 186 -2.16 -2.89 -7.56
C GLY A 186 -2.12 -4.15 -8.41
N ASN A 187 -2.94 -5.14 -8.05
CA ASN A 187 -2.98 -6.39 -8.80
C ASN A 187 -4.04 -6.32 -9.86
N GLN A 188 -3.71 -6.78 -11.07
CA GLN A 188 -4.60 -6.69 -12.21
C GLN A 188 -4.94 -8.08 -12.70
N PRO A 189 -6.09 -8.22 -13.37
CA PRO A 189 -6.39 -9.53 -13.98
C PRO A 189 -5.40 -9.87 -15.09
N ASP A 190 -5.47 -11.10 -15.56
CA ASP A 190 -4.67 -11.59 -16.67
C ASP A 190 -4.66 -10.58 -17.81
N GLN A 191 -3.45 -10.22 -18.25
CA GLN A 191 -3.25 -9.33 -19.39
C GLN A 191 -3.67 -7.87 -19.21
N GLU A 192 -3.83 -7.41 -17.98
CA GLU A 192 -4.22 -6.02 -17.76
C GLU A 192 -3.15 -5.14 -17.10
N MET A 193 -1.99 -5.72 -16.89
CA MET A 193 -0.85 -4.98 -16.35
C MET A 193 -0.49 -3.78 -17.23
N VAL A 194 -0.38 -4.01 -18.53
CA VAL A 194 0.03 -2.93 -19.42
C VAL A 194 -0.99 -1.79 -19.46
N SER A 195 -2.24 -2.13 -19.71
CA SER A 195 -3.30 -1.12 -19.74
C SER A 195 -3.39 -0.39 -18.40
N ALA A 196 -3.26 -1.10 -17.29
CA ALA A 196 -3.31 -0.45 -15.96
C ALA A 196 -2.14 0.50 -15.74
N SER A 197 -0.96 0.10 -16.20
CA SER A 197 0.23 0.92 -16.02
C SER A 197 0.24 2.08 -17.02
N GLU A 198 -0.17 1.80 -18.26
CA GLU A 198 -0.25 2.85 -19.27
C GLU A 198 -1.17 4.00 -18.84
N TRP A 199 -2.17 3.68 -18.03
CA TRP A 199 -3.10 4.68 -17.51
C TRP A 199 -2.34 5.79 -16.80
N TYR A 200 -1.31 5.41 -16.06
CA TYR A 200 -0.50 6.39 -15.34
C TYR A 200 0.40 7.17 -16.27
N LEU A 201 1.02 6.48 -17.22
CA LEU A 201 1.92 7.12 -18.18
C LEU A 201 1.12 8.13 -19.01
N LYS A 202 0.05 7.64 -19.63
CA LYS A 202 -0.77 8.46 -20.53
C LYS A 202 -1.49 9.60 -19.80
N ASN A 203 -2.21 9.29 -18.74
CA ASN A 203 -3.07 10.27 -18.09
C ASN A 203 -2.39 11.17 -17.07
N LEU A 204 -1.38 10.65 -16.38
CA LEU A 204 -0.77 11.41 -15.29
C LEU A 204 0.67 11.78 -15.58
N GLN A 205 1.19 11.32 -16.71
CA GLN A 205 2.58 11.59 -17.10
C GLN A 205 3.57 11.04 -16.08
N PHE A 206 3.25 9.84 -15.59
CA PHE A 206 4.19 9.03 -14.83
C PHE A 206 5.11 8.37 -15.84
N HIS A 207 6.15 7.70 -15.39
CA HIS A 207 6.96 6.92 -16.29
C HIS A 207 7.22 5.53 -15.70
N ARG A 208 7.72 4.63 -16.53
CA ARG A 208 8.08 3.29 -16.11
C ARG A 208 9.36 3.35 -15.27
N PHE A 209 9.28 2.93 -14.01
CA PHE A 209 10.41 3.02 -13.10
C PHE A 209 11.19 1.70 -13.08
N TRP A 210 10.48 0.59 -13.24
CA TRP A 210 11.08 -0.73 -13.10
C TRP A 210 10.07 -1.72 -13.62
N SER A 211 10.54 -2.92 -13.94
CA SER A 211 9.63 -3.96 -14.37
C SER A 211 10.34 -5.29 -14.25
N VAL A 212 9.56 -6.36 -14.11
CA VAL A 212 10.10 -7.71 -14.13
C VAL A 212 9.10 -8.55 -14.89
N ASP A 213 9.60 -9.57 -15.58
CA ASP A 213 8.68 -10.50 -16.23
C ASP A 213 8.76 -11.84 -15.53
N ASP A 214 7.97 -12.81 -16.02
CA ASP A 214 7.89 -14.11 -15.37
C ASP A 214 9.16 -14.93 -15.40
N THR A 215 10.17 -14.49 -16.16
N THR A 215 10.17 -14.47 -16.13
CA THR A 215 11.45 -15.20 -16.15
CA THR A 215 11.45 -15.17 -16.18
C THR A 215 12.36 -14.70 -15.04
C THR A 215 12.35 -14.69 -15.05
N GLN A 216 12.01 -13.55 -14.46
CA GLN A 216 12.80 -12.98 -13.38
C GLN A 216 12.17 -13.21 -12.00
N VAL A 217 10.84 -13.31 -11.95
CA VAL A 217 10.18 -13.59 -10.68
C VAL A 217 9.26 -14.79 -10.83
N HIS A 218 9.64 -15.88 -10.20
CA HIS A 218 8.84 -17.09 -10.29
C HIS A 218 9.37 -18.09 -9.30
N THR A 219 8.52 -19.03 -8.93
CA THR A 219 8.94 -20.16 -8.12
C THR A 219 9.03 -21.33 -9.07
N GLU A 220 9.06 -22.53 -8.51
CA GLU A 220 9.03 -23.75 -9.30
C GLU A 220 7.64 -23.95 -9.90
N TYR A 221 6.65 -23.19 -9.44
CA TYR A 221 5.25 -23.46 -9.78
C TYR A 221 4.49 -22.30 -10.40
N SER A 222 4.82 -21.08 -10.03
CA SER A 222 3.99 -19.95 -10.43
C SER A 222 4.85 -18.73 -10.65
N SER A 223 4.26 -17.65 -11.16
CA SER A 223 5.03 -16.46 -11.46
C SER A 223 4.12 -15.27 -11.59
N LEU A 224 4.72 -14.12 -11.86
CA LEU A 224 3.96 -12.92 -12.15
C LEU A 224 4.72 -12.06 -13.13
N ARG A 225 4.11 -10.97 -13.55
CA ARG A 225 4.82 -9.91 -14.22
C ARG A 225 4.46 -8.61 -13.50
N SER A 226 5.33 -7.63 -13.54
CA SER A 226 5.09 -6.40 -12.82
C SER A 226 5.70 -5.23 -13.55
N ILE A 227 5.00 -4.10 -13.51
CA ILE A 227 5.58 -2.85 -13.99
C ILE A 227 5.38 -1.83 -12.90
N VAL A 228 6.45 -1.16 -12.49
CA VAL A 228 6.32 -0.10 -11.51
C VAL A 228 6.24 1.25 -12.20
N VAL A 229 5.17 1.98 -11.95
CA VAL A 229 5.06 3.34 -12.47
C VAL A 229 5.47 4.31 -11.36
N ALA A 230 5.99 5.46 -11.76
CA ALA A 230 6.41 6.48 -10.79
C ALA A 230 6.14 7.88 -11.32
N ASN A 231 5.93 8.85 -10.44
CA ASN A 231 5.84 10.24 -10.90
C ASN A 231 7.24 10.70 -11.30
N TYR A 232 7.34 11.86 -11.96
CA TYR A 232 8.63 12.34 -12.48
C TYR A 232 9.73 12.35 -11.41
N GLU A 233 9.41 12.93 -10.25
CA GLU A 233 10.39 13.04 -9.18
C GLU A 233 10.52 11.72 -8.41
N GLU A 234 9.71 10.73 -8.78
CA GLU A 234 9.85 9.39 -8.20
C GLU A 234 9.64 9.35 -6.69
N SER A 235 8.80 10.24 -6.18
CA SER A 235 8.43 10.21 -4.77
C SER A 235 7.25 9.25 -4.61
N ILE A 236 6.58 8.97 -5.72
CA ILE A 236 5.45 8.06 -5.73
C ILE A 236 5.78 6.87 -6.62
N LYS A 237 5.70 5.67 -6.05
CA LYS A 237 6.02 4.46 -6.82
C LYS A 237 4.90 3.47 -6.65
N MET A 238 4.42 2.91 -7.76
CA MET A 238 3.29 1.98 -7.71
C MET A 238 3.44 0.79 -8.64
N PRO A 239 3.87 -0.34 -8.07
CA PRO A 239 3.98 -1.58 -8.84
C PRO A 239 2.59 -2.03 -9.27
N ILE A 240 2.52 -2.48 -10.52
CA ILE A 240 1.30 -3.01 -11.09
C ILE A 240 1.62 -4.46 -11.49
N ASN A 241 0.93 -5.42 -10.90
CA ASN A 241 1.18 -6.85 -11.16
C ASN A 241 0.08 -7.49 -12.00
N GLU A 242 0.42 -8.56 -12.72
CA GLU A 242 -0.59 -9.41 -13.34
C GLU A 242 -0.13 -10.85 -13.19
N PRO A 243 -1.06 -11.82 -13.28
CA PRO A 243 -0.64 -13.24 -13.25
C PRO A 243 0.20 -13.56 -14.47
N ALA A 244 1.00 -14.61 -14.38
CA ALA A 244 1.82 -15.05 -15.49
C ALA A 244 1.84 -16.59 -15.50
N PRO A 245 2.30 -17.20 -16.61
CA PRO A 245 2.16 -18.67 -16.72
C PRO A 245 2.92 -19.42 -15.64
N GLY A 246 2.42 -20.60 -15.30
CA GLY A 246 3.11 -21.48 -14.38
C GLY A 246 2.36 -22.79 -14.33
N LYS A 247 2.94 -23.80 -13.70
CA LYS A 247 2.24 -25.07 -13.56
C LYS A 247 1.03 -24.81 -12.67
N LYS A 248 1.16 -23.85 -11.77
CA LYS A 248 0.10 -23.59 -10.82
C LYS A 248 -0.35 -22.12 -10.84
N LYS A 249 -1.48 -21.87 -10.16
CA LYS A 249 -2.13 -20.58 -10.20
C LYS A 249 -1.25 -19.53 -9.53
N SER A 250 -1.06 -18.41 -10.22
CA SER A 250 -0.33 -17.29 -9.66
C SER A 250 -1.09 -16.70 -8.47
N GLN A 251 -0.36 -16.32 -7.42
CA GLN A 251 -0.97 -15.60 -6.31
C GLN A 251 -1.69 -14.32 -6.77
N ILE A 252 -1.25 -13.73 -7.89
CA ILE A 252 -1.94 -12.55 -8.40
C ILE A 252 -3.35 -12.92 -8.84
N GLN A 253 -3.50 -14.09 -9.45
CA GLN A 253 -4.82 -14.58 -9.84
C GLN A 253 -5.68 -14.93 -8.61
N GLU A 254 -5.05 -15.46 -7.56
CA GLU A 254 -5.77 -15.74 -6.31
C GLU A 254 -6.34 -14.42 -5.78
N TYR A 255 -5.52 -13.37 -5.82
CA TYR A 255 -6.01 -12.07 -5.37
C TYR A 255 -7.25 -11.69 -6.15
N VAL A 256 -7.15 -11.79 -7.47
CA VAL A 256 -8.22 -11.34 -8.34
C VAL A 256 -9.48 -12.15 -8.10
N ASP A 257 -9.33 -13.47 -7.90
CA ASP A 257 -10.49 -14.31 -7.58
C ASP A 257 -11.21 -13.83 -6.32
N TYR A 258 -10.44 -13.47 -5.29
CA TYR A 258 -11.04 -13.11 -4.01
C TYR A 258 -11.40 -11.64 -3.91
N ASN A 259 -10.78 -10.81 -4.74
CA ASN A 259 -11.10 -9.38 -4.72
C ASN A 259 -12.24 -9.07 -5.67
N GLY A 260 -12.56 -10.03 -6.54
CA GLY A 260 -13.58 -9.82 -7.55
C GLY A 260 -13.12 -8.90 -8.67
N GLY A 261 -11.81 -8.68 -8.78
CA GLY A 261 -11.26 -7.85 -9.83
C GLY A 261 -9.96 -7.19 -9.40
N ALA A 262 -9.51 -6.20 -10.16
CA ALA A 262 -8.29 -5.48 -9.83
C ALA A 262 -8.45 -4.71 -8.52
N GLY A 263 -7.33 -4.47 -7.84
CA GLY A 263 -7.33 -3.63 -6.67
C GLY A 263 -5.96 -3.62 -5.99
N VAL A 264 -5.88 -2.92 -4.87
CA VAL A 264 -4.62 -2.79 -4.15
C VAL A 264 -4.33 -4.07 -3.39
N GLN A 265 -3.15 -4.63 -3.62
CA GLN A 265 -2.74 -5.86 -2.97
C GLN A 265 -2.00 -5.58 -1.66
N HIS A 266 -1.05 -4.64 -1.71
CA HIS A 266 -0.36 -4.26 -0.49
C HIS A 266 0.10 -2.83 -0.43
N ILE A 267 0.19 -2.34 0.81
CA ILE A 267 0.72 -1.01 1.09
C ILE A 267 1.99 -1.22 1.87
N ALA A 268 3.08 -0.64 1.39
CA ALA A 268 4.36 -0.77 2.06
C ALA A 268 4.61 0.47 2.88
N LEU A 269 5.04 0.25 4.10
CA LEU A 269 5.27 1.32 5.04
C LEU A 269 6.76 1.35 5.36
N LYS A 270 7.35 2.52 5.26
CA LYS A 270 8.80 2.62 5.43
C LYS A 270 9.15 2.93 6.88
N THR A 271 10.26 2.37 7.34
CA THR A 271 10.77 2.64 8.67
C THR A 271 12.27 2.90 8.57
N GLU A 272 12.82 3.59 9.56
CA GLU A 272 14.27 3.77 9.64
C GLU A 272 14.90 2.88 10.73
N ASP A 273 14.12 1.93 11.25
CA ASP A 273 14.60 1.01 12.29
C ASP A 273 13.75 -0.25 12.24
N ILE A 274 14.00 -1.09 11.24
CA ILE A 274 13.10 -2.21 10.99
C ILE A 274 13.17 -3.28 12.07
N ILE A 275 14.32 -3.42 12.71
CA ILE A 275 14.47 -4.37 13.81
CA ILE A 275 14.44 -4.40 13.79
C ILE A 275 13.50 -4.02 14.91
N THR A 276 13.51 -2.74 15.30
CA THR A 276 12.61 -2.28 16.36
C THR A 276 11.16 -2.40 15.91
N ALA A 277 10.88 -1.94 14.69
CA ALA A 277 9.54 -2.01 14.13
C ALA A 277 8.95 -3.43 14.18
N ILE A 278 9.68 -4.40 13.64
CA ILE A 278 9.14 -5.75 13.56
C ILE A 278 9.02 -6.38 14.93
N ARG A 279 9.98 -6.12 15.80
N ARG A 279 9.99 -6.14 15.80
CA ARG A 279 9.91 -6.64 17.17
CA ARG A 279 9.90 -6.64 17.16
C ARG A 279 8.68 -6.11 17.87
C ARG A 279 8.65 -6.11 17.86
N HIS A 280 8.40 -4.83 17.71
CA HIS A 280 7.25 -4.22 18.38
C HIS A 280 5.92 -4.63 17.73
N LEU A 281 5.93 -4.78 16.42
CA LEU A 281 4.73 -5.19 15.72
C LEU A 281 4.38 -6.63 16.13
N ARG A 282 5.38 -7.47 16.31
CA ARG A 282 5.17 -8.84 16.76
C ARG A 282 4.65 -8.87 18.19
N GLU A 283 5.22 -8.03 19.06
CA GLU A 283 4.74 -7.94 20.44
C GLU A 283 3.27 -7.48 20.52
N ARG A 284 2.82 -6.74 19.51
CA ARG A 284 1.43 -6.29 19.48
C ARG A 284 0.52 -7.32 18.84
N GLY A 285 1.11 -8.40 18.32
CA GLY A 285 0.31 -9.48 17.80
C GLY A 285 0.12 -9.49 16.29
N LEU A 286 0.83 -8.64 15.57
CA LEU A 286 0.79 -8.71 14.12
C LEU A 286 1.51 -9.98 13.63
N GLU A 287 0.93 -10.65 12.64
CA GLU A 287 1.52 -11.86 12.06
C GLU A 287 2.22 -11.53 10.77
N PHE A 288 3.35 -12.17 10.52
CA PHE A 288 4.08 -11.95 9.27
C PHE A 288 4.30 -13.28 8.55
N LEU A 289 4.72 -13.20 7.29
CA LEU A 289 5.05 -14.40 6.52
C LEU A 289 6.35 -14.98 7.05
N SER A 290 6.67 -16.20 6.65
CA SER A 290 7.88 -16.85 7.16
C SER A 290 8.86 -17.16 6.04
N VAL A 291 10.09 -17.50 6.43
CA VAL A 291 11.20 -17.69 5.52
C VAL A 291 12.01 -18.85 6.08
N PRO A 292 12.51 -19.79 5.22
CA PRO A 292 13.24 -20.94 5.77
C PRO A 292 14.61 -20.56 6.31
N SER A 293 15.08 -21.29 7.32
CA SER A 293 16.40 -21.08 7.91
C SER A 293 17.52 -21.07 6.87
N THR A 294 17.41 -21.91 5.83
CA THR A 294 18.44 -21.95 4.80
C THR A 294 18.67 -20.58 4.16
N TYR A 295 17.63 -19.76 4.09
CA TYR A 295 17.76 -18.44 3.43
C TYR A 295 18.88 -17.63 4.08
N TYR A 296 18.91 -17.66 5.41
CA TYR A 296 19.86 -16.85 6.16
C TYR A 296 21.27 -17.41 6.12
N LYS A 297 21.39 -18.73 6.00
CA LYS A 297 22.70 -19.36 5.76
C LYS A 297 23.23 -18.91 4.42
N GLN A 298 22.39 -18.96 3.40
CA GLN A 298 22.80 -18.52 2.07
C GLN A 298 23.10 -17.03 2.05
N LEU A 299 22.30 -16.26 2.79
CA LEU A 299 22.51 -14.81 2.85
C LEU A 299 23.88 -14.48 3.44
N ARG A 300 24.24 -15.12 4.55
CA ARG A 300 25.53 -14.88 5.20
CA ARG A 300 25.53 -14.87 5.20
C ARG A 300 26.68 -15.20 4.26
N GLU A 301 26.53 -16.30 3.53
CA GLU A 301 27.53 -16.73 2.58
C GLU A 301 27.69 -15.70 1.47
N LYS A 302 26.57 -15.23 0.91
CA LYS A 302 26.60 -14.23 -0.16
C LYS A 302 27.22 -12.91 0.30
N LEU A 303 26.97 -12.53 1.54
CA LEU A 303 27.42 -11.21 2.03
C LEU A 303 28.96 -11.14 2.14
N LYS A 304 29.61 -12.30 2.14
CA LYS A 304 31.07 -12.34 2.14
C LYS A 304 31.69 -11.70 0.90
N THR A 305 30.99 -11.78 -0.23
CA THR A 305 31.52 -11.25 -1.49
C THR A 305 30.76 -10.01 -1.98
N ALA A 306 29.83 -9.52 -1.18
CA ALA A 306 29.01 -8.39 -1.62
C ALA A 306 29.78 -7.07 -1.48
N LYS A 307 29.43 -6.09 -2.30
CA LYS A 307 30.07 -4.78 -2.24
C LYS A 307 29.52 -3.93 -1.11
N ILE A 308 28.36 -4.31 -0.60
CA ILE A 308 27.74 -3.56 0.47
C ILE A 308 27.91 -4.33 1.78
N LYS A 309 27.74 -3.62 2.89
CA LYS A 309 27.80 -4.26 4.19
C LYS A 309 26.46 -4.02 4.89
N VAL A 310 25.81 -5.10 5.31
CA VAL A 310 24.55 -4.98 6.04
C VAL A 310 24.89 -4.61 7.48
N LYS A 311 24.30 -3.53 8.02
CA LYS A 311 24.66 -3.12 9.38
C LYS A 311 23.79 -3.75 10.46
N GLU A 312 22.58 -4.17 10.10
CA GLU A 312 21.71 -4.81 11.05
C GLU A 312 22.28 -6.18 11.37
N ASN A 313 22.19 -6.57 12.62
CA ASN A 313 22.64 -7.88 13.03
C ASN A 313 21.83 -8.95 12.28
N ILE A 314 22.51 -9.81 11.54
CA ILE A 314 21.85 -10.85 10.75
C ILE A 314 21.02 -11.81 11.62
N ASP A 315 21.48 -12.05 12.86
CA ASP A 315 20.73 -12.91 13.77
C ASP A 315 19.38 -12.31 14.06
N ALA A 316 19.33 -10.98 14.18
CA ALA A 316 18.08 -10.29 14.44
C ALA A 316 17.17 -10.37 13.21
N LEU A 317 17.73 -10.14 12.02
CA LEU A 317 16.97 -10.26 10.78
C LEU A 317 16.39 -11.67 10.65
N GLU A 318 17.19 -12.66 10.99
CA GLU A 318 16.79 -14.05 10.86
C GLU A 318 15.67 -14.33 11.84
N GLU A 319 15.87 -13.87 13.07
CA GLU A 319 14.86 -14.02 14.11
C GLU A 319 13.53 -13.41 13.69
N LEU A 320 13.58 -12.25 13.06
CA LEU A 320 12.35 -11.53 12.73
C LEU A 320 11.82 -11.89 11.35
N LYS A 321 12.58 -12.69 10.59
CA LYS A 321 12.19 -13.17 9.25
C LYS A 321 12.14 -12.05 8.21
N ILE A 322 13.08 -11.13 8.31
CA ILE A 322 13.19 -10.00 7.40
C ILE A 322 14.00 -10.44 6.18
N LEU A 323 13.56 -10.04 5.00
N LEU A 323 13.60 -9.99 5.01
CA LEU A 323 14.23 -10.43 3.78
CA LEU A 323 14.24 -10.42 3.78
C LEU A 323 15.21 -9.34 3.33
C LEU A 323 15.20 -9.34 3.31
N VAL A 324 16.37 -9.75 2.82
CA VAL A 324 17.42 -8.81 2.44
C VAL A 324 17.72 -8.90 0.95
N ASP A 325 17.78 -7.76 0.30
CA ASP A 325 18.25 -7.71 -1.07
C ASP A 325 19.13 -6.50 -1.26
N TYR A 326 20.03 -6.57 -2.21
CA TYR A 326 20.99 -5.48 -2.35
C TYR A 326 21.45 -5.34 -3.77
N ASP A 327 21.99 -4.16 -4.08
CA ASP A 327 22.75 -3.98 -5.31
C ASP A 327 24.16 -3.60 -4.90
N GLU A 328 24.87 -2.87 -5.75
CA GLU A 328 26.27 -2.58 -5.46
C GLU A 328 26.43 -1.35 -4.58
N LYS A 329 25.33 -0.64 -4.35
CA LYS A 329 25.40 0.60 -3.57
C LYS A 329 24.65 0.56 -2.26
N GLY A 330 23.63 -0.29 -2.17
CA GLY A 330 22.82 -0.29 -0.97
C GLY A 330 21.96 -1.53 -0.90
N TYR A 331 21.07 -1.56 0.10
CA TYR A 331 20.25 -2.73 0.31
C TYR A 331 18.86 -2.40 0.82
N LEU A 332 17.97 -3.39 0.73
CA LEU A 332 16.58 -3.26 1.12
C LEU A 332 16.24 -4.34 2.13
N LEU A 333 15.49 -3.97 3.17
CA LEU A 333 14.97 -4.94 4.13
C LEU A 333 13.45 -4.87 4.01
N GLN A 334 12.83 -6.02 3.77
CA GLN A 334 11.40 -6.06 3.51
C GLN A 334 10.78 -7.27 4.17
N ILE A 335 9.52 -7.13 4.54
CA ILE A 335 8.76 -8.21 5.15
C ILE A 335 7.28 -7.92 4.94
N PHE A 336 6.50 -8.97 4.68
CA PHE A 336 5.06 -8.89 4.47
C PHE A 336 4.33 -9.38 5.72
N THR A 337 3.24 -8.71 6.08
CA THR A 337 2.33 -9.26 7.05
C THR A 337 1.50 -10.33 6.36
N LYS A 338 0.77 -11.11 7.14
CA LYS A 338 -0.29 -11.95 6.61
C LYS A 338 -1.46 -11.04 6.24
N PRO A 339 -2.45 -11.55 5.50
CA PRO A 339 -3.51 -10.61 5.10
C PRO A 339 -4.24 -10.09 6.31
N VAL A 340 -4.76 -8.86 6.20
CA VAL A 340 -5.41 -8.23 7.34
C VAL A 340 -6.91 -8.47 7.35
N GLN A 341 -7.34 -9.41 6.51
CA GLN A 341 -8.72 -9.88 6.52
C GLN A 341 -8.65 -11.35 6.14
N ASP A 342 -9.76 -12.06 6.20
CA ASP A 342 -9.73 -13.49 5.90
C ASP A 342 -9.61 -13.84 4.42
N ARG A 343 -10.21 -13.03 3.53
CA ARG A 343 -9.93 -13.19 2.11
C ARG A 343 -8.46 -12.88 1.90
N PRO A 344 -7.78 -13.70 1.08
CA PRO A 344 -6.36 -13.45 0.80
C PRO A 344 -6.19 -12.29 -0.16
N THR A 345 -6.53 -11.08 0.28
CA THR A 345 -6.41 -9.94 -0.60
C THR A 345 -5.35 -8.96 -0.09
N LEU A 346 -5.78 -7.99 0.72
CA LEU A 346 -4.90 -6.92 1.17
C LEU A 346 -3.92 -7.37 2.25
N PHE A 347 -2.65 -6.97 2.13
CA PHE A 347 -1.74 -7.09 3.25
C PHE A 347 -0.82 -5.90 3.28
N LEU A 348 0.11 -5.89 4.22
CA LEU A 348 1.01 -4.77 4.38
C LEU A 348 2.45 -5.24 4.37
N GLU A 349 3.34 -4.30 4.06
CA GLU A 349 4.76 -4.58 4.03
C GLU A 349 5.44 -3.52 4.87
N VAL A 350 6.52 -3.92 5.51
CA VAL A 350 7.37 -2.96 6.21
C VAL A 350 8.68 -3.01 5.45
N ILE A 351 9.19 -1.84 5.10
CA ILE A 351 10.42 -1.77 4.33
C ILE A 351 11.37 -0.76 4.95
N GLN A 352 12.65 -1.10 5.00
CA GLN A 352 13.68 -0.15 5.34
C GLN A 352 14.65 -0.10 4.17
N ARG A 353 15.06 1.10 3.79
CA ARG A 353 15.94 1.27 2.64
C ARG A 353 17.28 1.81 3.11
N HIS A 354 18.37 1.24 2.61
CA HIS A 354 19.70 1.73 2.95
C HIS A 354 20.40 2.07 1.64
N ASN A 355 20.39 3.34 1.28
CA ASN A 355 20.99 3.77 0.03
C ASN A 355 20.50 2.92 -1.14
N HIS A 356 19.19 2.75 -1.17
CA HIS A 356 18.53 1.99 -2.21
C HIS A 356 17.09 2.46 -2.34
N GLN A 357 16.78 3.10 -3.45
CA GLN A 357 15.48 3.74 -3.65
C GLN A 357 14.65 3.00 -4.68
N GLY A 358 15.12 1.83 -5.09
CA GLY A 358 14.44 1.05 -6.09
C GLY A 358 13.86 -0.20 -5.49
N PHE A 359 13.77 -1.25 -6.31
CA PHE A 359 13.26 -2.54 -5.84
C PHE A 359 14.28 -3.58 -6.21
N GLY A 360 14.24 -4.73 -5.54
CA GLY A 360 15.17 -5.80 -5.87
C GLY A 360 14.43 -7.06 -6.28
N ALA A 361 14.84 -7.66 -7.39
CA ALA A 361 14.24 -8.89 -7.88
C ALA A 361 14.51 -10.03 -6.92
N GLY A 362 15.64 -9.97 -6.21
CA GLY A 362 15.93 -10.93 -5.15
C GLY A 362 14.81 -10.96 -4.12
N ASN A 363 14.51 -9.80 -3.51
CA ASN A 363 13.45 -9.76 -2.52
C ASN A 363 12.09 -10.04 -3.14
N PHE A 364 11.88 -9.56 -4.36
CA PHE A 364 10.60 -9.79 -5.03
C PHE A 364 10.39 -11.30 -5.10
N ASN A 365 11.43 -12.03 -5.46
CA ASN A 365 11.35 -13.48 -5.52
C ASN A 365 11.09 -14.16 -4.18
N SER A 366 11.80 -13.74 -3.15
CA SER A 366 11.67 -14.36 -1.83
C SER A 366 10.29 -14.08 -1.21
N LEU A 367 9.84 -12.83 -1.36
CA LEU A 367 8.49 -12.44 -0.96
C LEU A 367 7.42 -13.21 -1.74
N PHE A 368 7.58 -13.30 -3.05
CA PHE A 368 6.65 -14.06 -3.88
C PHE A 368 6.61 -15.50 -3.37
N LYS A 369 7.76 -16.08 -3.05
CA LYS A 369 7.79 -17.45 -2.55
C LYS A 369 7.15 -17.55 -1.17
N ALA A 370 7.45 -16.59 -0.28
CA ALA A 370 6.87 -16.61 1.06
C ALA A 370 5.34 -16.52 0.98
N PHE A 371 4.83 -15.70 0.09
CA PHE A 371 3.39 -15.60 -0.11
C PHE A 371 2.79 -16.89 -0.72
N GLU A 372 3.47 -17.46 -1.70
CA GLU A 372 2.99 -18.70 -2.34
C GLU A 372 2.86 -19.84 -1.33
N GLU A 373 3.72 -19.86 -0.32
CA GLU A 373 3.57 -20.85 0.75
C GLU A 373 2.19 -20.73 1.40
N GLU A 374 1.73 -19.50 1.64
CA GLU A 374 0.41 -19.30 2.28
C GLU A 374 -0.74 -19.58 1.31
N GLN A 375 -0.58 -19.17 0.07
CA GLN A 375 -1.56 -19.50 -0.96
C GLN A 375 -1.78 -21.01 -0.98
N ASN A 376 -0.70 -21.77 -0.84
CA ASN A 376 -0.83 -23.22 -0.85
C ASN A 376 -1.62 -23.70 0.37
N LEU A 377 -1.36 -23.11 1.54
CA LEU A 377 -2.09 -23.47 2.76
C LEU A 377 -3.57 -23.17 2.64
N ARG A 378 -3.92 -22.19 1.81
CA ARG A 378 -5.34 -21.87 1.58
C ARG A 378 -5.97 -22.76 0.50
N GLY A 379 -5.19 -23.72 -0.01
CA GLY A 379 -5.68 -24.61 -1.06
C GLY A 379 -5.85 -23.93 -2.41
N ASN A 380 -5.15 -22.83 -2.65
CA ASN A 380 -5.37 -22.08 -3.89
C ASN A 380 -4.18 -22.08 -4.82
N LEU A 381 -3.18 -22.90 -4.51
CA LEU A 381 -2.05 -23.06 -5.43
C LEU A 381 -2.36 -24.28 -6.28
N THR A 382 -3.32 -24.12 -7.19
CA THR A 382 -3.88 -25.25 -7.93
C THR A 382 -3.29 -25.33 -9.34
N ASN A 383 -3.24 -26.55 -9.88
CA ASN A 383 -2.70 -26.74 -11.23
C ASN A 383 -3.52 -25.98 -12.26
N MET A 384 -2.84 -25.38 -13.23
CA MET A 384 -3.50 -24.66 -14.31
C MET A 384 -3.72 -25.56 -15.53
CO CO B . 6.05 -4.13 -1.81
#